data_5BVA
#
_entry.id   5BVA
#
_cell.length_a   82.975
_cell.length_b   90.481
_cell.length_c   57.919
_cell.angle_alpha   90.00
_cell.angle_beta   90.00
_cell.angle_gamma   90.00
#
_symmetry.space_group_name_H-M   'P 21 21 2'
#
loop_
_entity.id
_entity.type
_entity.pdbx_description
1 polymer 'flavin-dependent halogenase'
2 non-polymer 'FLAVIN-ADENINE DINUCLEOTIDE'
3 non-polymer 1,2-ETHANEDIOL
4 water water
#
_entity_poly.entity_id   1
_entity_poly.type   'polypeptide(L)'
_entity_poly.pdbx_seq_one_letter_code
;GSHMNGFTHYDVVIIGSGPAGSLCGIECRKKGLSVLCIEKEQFPRFHIGESLTGNAGQIIRDLGLAEDMDAAGFPDKPGV
NVIGSLSKNEFFIPILAPTWQVRRSDFDDMIKRKAVEHGVEYKLGMVTDVIKDGEKVVGALYKADGVEHQVRSKVLVDAS
GQNTFLSRKGVAGKRQIEFFSQQIASFAHYKGVERDLPPFSTNTTILYSKQYHWSWIIPISPDTDSLGVVIPKDLYYKEC
KNPDDAIAWGMDHISPELKRRFKNAERQGDSQSMADFSYRIEPFVGDGWMCIGDAHRFLDPIFSYGVSFAMKEGIRAAEA
IAQVVAGQDWKAPFYAYRDWSNGGQQIAADLIRYFWIYPIFFGYQMQNPDLRDEVIRLLGGCCFDCEGWKAPAIFRNAIE
EYDRKQMAS
;
_entity_poly.pdbx_strand_id   A
#
loop_
_chem_comp.id
_chem_comp.type
_chem_comp.name
_chem_comp.formula
EDO non-polymer 1,2-ETHANEDIOL 'C2 H6 O2'
FAD non-polymer 'FLAVIN-ADENINE DINUCLEOTIDE' 'C27 H33 N9 O15 P2'
#
# COMPACT_ATOMS: atom_id res chain seq x y z
N THR A 8 -7.00 4.50 32.17
CA THR A 8 -7.60 3.44 31.35
C THR A 8 -6.56 2.63 30.59
N HIS A 9 -6.72 1.31 30.61
CA HIS A 9 -5.73 0.36 30.07
C HIS A 9 -6.32 -0.50 28.96
N TYR A 10 -5.54 -0.69 27.90
CA TYR A 10 -5.85 -1.65 26.85
C TYR A 10 -4.61 -2.46 26.58
N ASP A 11 -4.78 -3.70 26.11
CA ASP A 11 -3.63 -4.48 25.71
C ASP A 11 -2.95 -3.78 24.55
N VAL A 12 -3.77 -3.29 23.62
CA VAL A 12 -3.25 -2.70 22.39
C VAL A 12 -3.94 -1.39 22.08
N VAL A 13 -3.15 -0.37 21.79
CA VAL A 13 -3.70 0.87 21.25
C VAL A 13 -3.13 1.06 19.85
N ILE A 14 -4.01 1.29 18.90
CA ILE A 14 -3.62 1.42 17.49
C ILE A 14 -3.88 2.83 17.00
N ILE A 15 -2.83 3.44 16.43
CA ILE A 15 -2.97 4.76 15.83
C ILE A 15 -3.34 4.62 14.38
N GLY A 16 -4.58 4.94 14.03
CA GLY A 16 -4.99 4.88 12.64
C GLY A 16 -5.79 3.65 12.24
N SER A 17 -6.82 3.86 11.42
CA SER A 17 -7.68 2.76 10.99
C SER A 17 -7.76 2.61 9.49
N GLY A 18 -6.63 2.73 8.82
CA GLY A 18 -6.53 2.31 7.43
C GLY A 18 -6.48 0.79 7.43
N PRO A 19 -6.15 0.20 6.27
CA PRO A 19 -6.08 -1.26 6.20
C PRO A 19 -5.10 -1.87 7.23
N ALA A 20 -3.95 -1.27 7.48
CA ALA A 20 -3.03 -1.84 8.47
C ALA A 20 -3.66 -1.87 9.87
N GLY A 21 -4.17 -0.72 10.33
CA GLY A 21 -4.71 -0.60 11.67
C GLY A 21 -5.95 -1.45 11.89
N SER A 22 -6.81 -1.46 10.88
CA SER A 22 -8.03 -2.24 10.94
C SER A 22 -7.73 -3.73 11.03
N LEU A 23 -6.84 -4.21 10.17
CA LEU A 23 -6.56 -5.65 10.19
C LEU A 23 -5.82 -6.08 11.45
N CYS A 24 -4.94 -5.21 11.94
CA CYS A 24 -4.26 -5.50 13.19
C CYS A 24 -5.27 -5.61 14.34
N GLY A 25 -6.20 -4.66 14.41
CA GLY A 25 -7.22 -4.70 15.45
C GLY A 25 -8.07 -5.98 15.39
N ILE A 26 -8.55 -6.32 14.21
CA ILE A 26 -9.30 -7.54 14.01
C ILE A 26 -8.52 -8.77 14.50
N GLU A 27 -7.26 -8.85 14.11
CA GLU A 27 -6.47 -10.04 14.43
C GLU A 27 -6.15 -10.09 15.93
N CYS A 28 -5.87 -8.94 16.53
CA CYS A 28 -5.67 -8.85 17.97
C CYS A 28 -6.93 -9.27 18.73
N ARG A 29 -8.10 -8.89 18.22
CA ARG A 29 -9.35 -9.34 18.84
C ARG A 29 -9.50 -10.86 18.74
N LYS A 30 -9.13 -11.45 17.61
CA LYS A 30 -9.21 -12.89 17.47
C LYS A 30 -8.30 -13.59 18.48
N LYS A 31 -7.25 -12.90 18.94
CA LYS A 31 -6.31 -13.47 19.89
C LYS A 31 -6.76 -13.20 21.30
N GLY A 32 -7.90 -12.52 21.45
CA GLY A 32 -8.46 -12.26 22.77
C GLY A 32 -7.88 -11.06 23.48
N LEU A 33 -7.30 -10.13 22.72
CA LEU A 33 -6.68 -8.94 23.33
C LEU A 33 -7.69 -7.82 23.33
N SER A 34 -7.62 -6.93 24.33
CA SER A 34 -8.41 -5.70 24.31
C SER A 34 -7.72 -4.65 23.42
N VAL A 35 -8.50 -3.95 22.61
CA VAL A 35 -7.92 -3.09 21.58
C VAL A 35 -8.66 -1.77 21.49
N LEU A 36 -7.90 -0.68 21.50
CA LEU A 36 -8.43 0.64 21.20
C LEU A 36 -7.81 1.16 19.91
N CYS A 37 -8.64 1.57 18.96
CA CYS A 37 -8.13 2.24 17.76
C CYS A 37 -8.51 3.72 17.77
N ILE A 38 -7.52 4.59 17.65
CA ILE A 38 -7.74 6.03 17.57
C ILE A 38 -7.51 6.51 16.14
N GLU A 39 -8.57 7.03 15.51
CA GLU A 39 -8.49 7.46 14.11
C GLU A 39 -8.96 8.91 14.00
N LYS A 40 -8.14 9.76 13.37
CA LYS A 40 -8.39 11.20 13.37
C LYS A 40 -9.43 11.67 12.35
N GLU A 41 -9.69 10.87 11.31
CA GLU A 41 -10.64 11.26 10.28
C GLU A 41 -11.96 10.54 10.44
N GLN A 42 -13.04 11.25 10.16
CA GLN A 42 -14.36 10.64 10.12
C GLN A 42 -14.47 9.83 8.85
N PHE A 43 -14.80 8.54 8.97
CA PHE A 43 -15.04 7.72 7.80
C PHE A 43 -16.50 7.91 7.40
N PRO A 44 -16.81 7.74 6.11
CA PRO A 44 -15.83 7.42 5.04
C PRO A 44 -15.04 8.65 4.61
N ARG A 45 -13.77 8.46 4.23
CA ARG A 45 -12.92 9.56 3.76
C ARG A 45 -12.10 9.14 2.54
N PHE A 46 -11.94 10.07 1.60
CA PHE A 46 -11.16 9.81 0.41
C PHE A 46 -9.74 9.35 0.74
N HIS A 47 -9.24 8.38 -0.02
CA HIS A 47 -7.85 7.96 0.09
C HIS A 47 -7.45 7.37 -1.26
N ILE A 48 -6.23 7.65 -1.71
CA ILE A 48 -5.76 7.09 -2.97
C ILE A 48 -5.25 5.66 -2.72
N GLY A 49 -5.15 4.85 -3.77
CA GLY A 49 -4.54 3.53 -3.65
C GLY A 49 -5.59 2.45 -3.80
N GLU A 50 -5.97 2.17 -5.05
CA GLU A 50 -7.25 1.55 -5.34
C GLU A 50 -7.17 0.12 -5.85
N SER A 51 -6.01 -0.28 -6.34
CA SER A 51 -5.94 -1.59 -6.99
C SER A 51 -5.33 -2.61 -6.03
N LEU A 52 -6.07 -3.68 -5.75
CA LEU A 52 -5.64 -4.67 -4.76
C LEU A 52 -4.97 -5.89 -5.38
N THR A 53 -4.18 -6.60 -4.57
CA THR A 53 -3.53 -7.82 -5.02
C THR A 53 -4.45 -9.03 -4.85
N GLY A 54 -4.07 -10.15 -5.45
CA GLY A 54 -4.74 -11.42 -5.21
C GLY A 54 -4.79 -11.79 -3.74
N ASN A 55 -3.68 -11.58 -3.02
CA ASN A 55 -3.62 -11.93 -1.62
C ASN A 55 -4.55 -11.06 -0.77
N ALA A 56 -4.65 -9.78 -1.12
CA ALA A 56 -5.61 -8.90 -0.46
C ALA A 56 -7.03 -9.45 -0.63
N GLY A 57 -7.34 -9.93 -1.83
CA GLY A 57 -8.64 -10.54 -2.08
C GLY A 57 -8.90 -11.74 -1.16
N GLN A 58 -7.86 -12.53 -0.92
CA GLN A 58 -7.98 -13.69 -0.04
C GLN A 58 -8.31 -13.28 1.39
N ILE A 59 -7.64 -12.25 1.88
CA ILE A 59 -7.90 -11.74 3.21
C ILE A 59 -9.33 -11.22 3.31
N ILE A 60 -9.74 -10.49 2.29
CA ILE A 60 -11.09 -9.95 2.23
C ILE A 60 -12.14 -11.07 2.26
N ARG A 61 -11.90 -12.14 1.51
CA ARG A 61 -12.76 -13.31 1.53
C ARG A 61 -12.81 -13.93 2.92
N ASP A 62 -11.64 -14.09 3.52
CA ASP A 62 -11.54 -14.70 4.86
C ASP A 62 -12.31 -13.86 5.89
N LEU A 63 -12.39 -12.55 5.67
CA LEU A 63 -13.16 -11.66 6.57
C LEU A 63 -14.67 -11.73 6.32
N GLY A 64 -15.09 -12.49 5.33
CA GLY A 64 -16.50 -12.67 5.06
C GLY A 64 -17.10 -11.54 4.24
N LEU A 65 -16.27 -10.81 3.51
CA LEU A 65 -16.74 -9.61 2.80
C LEU A 65 -16.88 -9.74 1.28
N ALA A 66 -16.63 -10.92 0.71
CA ALA A 66 -16.62 -11.04 -0.73
C ALA A 66 -17.91 -10.53 -1.38
N GLU A 67 -19.05 -10.99 -0.86
CA GLU A 67 -20.32 -10.61 -1.44
C GLU A 67 -20.55 -9.11 -1.28
N ASP A 68 -20.12 -8.55 -0.14
CA ASP A 68 -20.28 -7.11 0.11
C ASP A 68 -19.44 -6.26 -0.85
N MET A 69 -18.26 -6.75 -1.23
CA MET A 69 -17.41 -6.06 -2.22
C MET A 69 -18.15 -5.90 -3.55
N ASP A 70 -18.79 -6.97 -4.00
CA ASP A 70 -19.53 -6.96 -5.25
C ASP A 70 -20.72 -6.01 -5.17
N ALA A 71 -21.40 -6.01 -4.04
CA ALA A 71 -22.61 -5.22 -3.85
C ALA A 71 -22.30 -3.73 -3.68
N ALA A 72 -21.05 -3.41 -3.32
CA ALA A 72 -20.60 -2.03 -3.18
C ALA A 72 -20.11 -1.51 -4.53
N GLY A 73 -20.13 -2.37 -5.53
CA GLY A 73 -19.82 -1.94 -6.88
C GLY A 73 -18.34 -1.89 -7.18
N PHE A 74 -17.53 -2.56 -6.38
CA PHE A 74 -16.08 -2.64 -6.65
C PHE A 74 -15.84 -3.64 -7.78
N PRO A 75 -15.22 -3.19 -8.89
CA PRO A 75 -14.97 -4.11 -10.01
C PRO A 75 -14.05 -5.27 -9.64
N ASP A 76 -14.32 -6.45 -10.18
CA ASP A 76 -13.38 -7.55 -10.15
C ASP A 76 -12.10 -7.13 -10.89
N LYS A 77 -10.96 -7.64 -10.44
CA LYS A 77 -9.67 -7.33 -11.08
C LYS A 77 -9.05 -8.60 -11.65
N PRO A 78 -9.08 -8.77 -12.99
CA PRO A 78 -8.52 -9.97 -13.61
C PRO A 78 -7.01 -9.95 -13.69
N GLY A 79 -6.40 -8.79 -13.55
CA GLY A 79 -4.94 -8.69 -13.64
C GLY A 79 -4.54 -7.28 -14.01
N VAL A 80 -3.30 -7.11 -14.45
CA VAL A 80 -2.81 -5.80 -14.80
C VAL A 80 -2.15 -5.85 -16.18
N ASN A 81 -2.44 -4.88 -17.03
CA ASN A 81 -1.75 -4.75 -18.32
C ASN A 81 -0.67 -3.69 -18.23
N VAL A 82 0.57 -4.06 -18.51
CA VAL A 82 1.66 -3.09 -18.51
C VAL A 82 2.06 -2.80 -19.94
N ILE A 83 1.93 -1.54 -20.35
CA ILE A 83 2.21 -1.13 -21.72
C ILE A 83 3.28 -0.05 -21.78
N GLY A 84 4.36 -0.31 -22.52
CA GLY A 84 5.40 0.68 -22.70
C GLY A 84 5.16 1.42 -24.00
N SER A 85 4.98 2.72 -23.90
CA SER A 85 4.66 3.54 -25.08
C SER A 85 5.84 3.69 -26.02
N LEU A 86 7.04 3.86 -25.47
CA LEU A 86 8.22 4.04 -26.30
C LEU A 86 8.63 2.76 -27.07
N SER A 87 8.53 1.61 -26.41
CA SER A 87 9.04 0.38 -27.00
C SER A 87 7.96 -0.46 -27.64
N LYS A 88 6.70 -0.15 -27.34
CA LYS A 88 5.59 -0.95 -27.82
C LYS A 88 5.65 -2.36 -27.26
N ASN A 89 6.29 -2.51 -26.10
CA ASN A 89 6.29 -3.77 -25.37
C ASN A 89 5.08 -3.71 -24.45
N GLU A 90 4.36 -4.81 -24.33
CA GLU A 90 3.28 -4.88 -23.36
C GLU A 90 3.22 -6.28 -22.83
N PHE A 91 2.89 -6.41 -21.55
CA PHE A 91 2.68 -7.74 -20.99
C PHE A 91 1.51 -7.70 -20.01
N PHE A 92 0.88 -8.86 -19.81
CA PHE A 92 -0.26 -8.99 -18.91
C PHE A 92 0.10 -9.97 -17.81
N ILE A 93 -0.16 -9.57 -16.56
CA ILE A 93 0.04 -10.47 -15.43
C ILE A 93 -1.30 -10.84 -14.83
N PRO A 94 -1.76 -12.09 -15.02
CA PRO A 94 -3.06 -12.46 -14.47
C PRO A 94 -3.04 -12.45 -12.95
N ILE A 95 -4.19 -12.16 -12.37
CA ILE A 95 -4.35 -12.09 -10.94
C ILE A 95 -4.12 -13.45 -10.30
N LEU A 96 -3.56 -13.44 -9.11
CA LEU A 96 -3.25 -14.67 -8.38
C LEU A 96 -4.51 -15.36 -7.88
N ALA A 97 -5.41 -14.57 -7.32
CA ALA A 97 -6.67 -15.07 -6.80
C ALA A 97 -7.68 -13.94 -6.94
N PRO A 98 -8.98 -14.26 -6.85
CA PRO A 98 -9.98 -13.22 -7.10
C PRO A 98 -9.81 -12.02 -6.18
N THR A 99 -9.90 -10.82 -6.74
CA THR A 99 -9.78 -9.62 -5.93
C THR A 99 -10.48 -8.46 -6.63
N TRP A 100 -10.33 -7.26 -6.08
CA TRP A 100 -11.13 -6.11 -6.51
C TRP A 100 -10.31 -4.83 -6.74
N GLN A 101 -10.89 -3.92 -7.51
CA GLN A 101 -10.46 -2.52 -7.56
C GLN A 101 -11.43 -1.82 -6.62
N VAL A 102 -10.96 -0.91 -5.76
CA VAL A 102 -11.89 -0.30 -4.80
C VAL A 102 -11.89 1.21 -4.80
N ARG A 103 -12.97 1.78 -4.27
CA ARG A 103 -12.95 3.18 -3.87
C ARG A 103 -12.58 3.12 -2.40
N ARG A 104 -11.45 3.73 -2.03
CA ARG A 104 -10.90 3.52 -0.69
C ARG A 104 -11.77 4.08 0.44
N SER A 105 -12.53 5.14 0.15
CA SER A 105 -13.38 5.72 1.17
C SER A 105 -14.40 4.67 1.66
N ASP A 106 -15.06 4.00 0.71
CA ASP A 106 -16.05 2.99 1.03
C ASP A 106 -15.38 1.71 1.57
N PHE A 107 -14.29 1.32 0.94
CA PHE A 107 -13.58 0.10 1.33
C PHE A 107 -13.07 0.18 2.76
N ASP A 108 -12.40 1.28 3.09
CA ASP A 108 -11.82 1.42 4.41
C ASP A 108 -12.93 1.46 5.44
N ASP A 109 -14.07 2.04 5.07
CA ASP A 109 -15.23 2.08 5.96
C ASP A 109 -15.75 0.68 6.28
N MET A 110 -15.82 -0.17 5.25
CA MET A 110 -16.31 -1.55 5.40
C MET A 110 -15.39 -2.38 6.27
N ILE A 111 -14.08 -2.19 6.09
CA ILE A 111 -13.11 -2.90 6.91
C ILE A 111 -13.15 -2.42 8.36
N LYS A 112 -13.22 -1.11 8.55
CA LYS A 112 -13.30 -0.57 9.90
C LYS A 112 -14.53 -1.12 10.60
N ARG A 113 -15.64 -1.26 9.85
CA ARG A 113 -16.87 -1.81 10.40
C ARG A 113 -16.67 -3.24 10.89
N LYS A 114 -15.90 -4.03 10.15
CA LYS A 114 -15.61 -5.38 10.58
C LYS A 114 -14.80 -5.40 11.85
N ALA A 115 -13.89 -4.43 12.00
CA ALA A 115 -13.09 -4.36 13.21
C ALA A 115 -13.98 -4.03 14.41
N VAL A 116 -14.97 -3.17 14.19
CA VAL A 116 -15.94 -2.88 15.25
C VAL A 116 -16.79 -4.13 15.58
N GLU A 117 -17.20 -4.88 14.57
CA GLU A 117 -17.96 -6.11 14.79
C GLU A 117 -17.14 -7.13 15.58
N HIS A 118 -15.82 -7.04 15.46
CA HIS A 118 -14.92 -7.91 16.20
C HIS A 118 -14.66 -7.41 17.60
N GLY A 119 -15.17 -6.22 17.91
CA GLY A 119 -15.08 -5.69 19.24
C GLY A 119 -13.92 -4.75 19.53
N VAL A 120 -13.30 -4.22 18.47
CA VAL A 120 -12.30 -3.18 18.67
C VAL A 120 -13.05 -1.94 19.09
N GLU A 121 -12.55 -1.25 20.12
CA GLU A 121 -13.15 0.01 20.53
C GLU A 121 -12.52 1.13 19.73
N TYR A 122 -13.36 2.06 19.29
CA TYR A 122 -12.89 3.15 18.46
C TYR A 122 -13.10 4.50 19.11
N LYS A 123 -12.15 5.39 18.88
CA LYS A 123 -12.31 6.80 19.21
C LYS A 123 -11.96 7.64 17.99
N LEU A 124 -12.76 8.66 17.73
CA LEU A 124 -12.41 9.69 16.76
C LEU A 124 -11.50 10.68 17.47
N GLY A 125 -10.24 10.70 17.10
CA GLY A 125 -9.29 11.51 17.82
C GLY A 125 -7.94 11.51 17.15
N MET A 126 -7.10 12.46 17.53
CA MET A 126 -5.75 12.50 16.99
C MET A 126 -4.71 12.17 18.04
N VAL A 127 -3.89 11.17 17.76
CA VAL A 127 -2.81 10.85 18.67
C VAL A 127 -1.73 11.90 18.48
N THR A 128 -1.19 12.39 19.60
CA THR A 128 -0.32 13.55 19.58
C THR A 128 1.01 13.29 20.27
N ASP A 129 1.05 12.30 21.15
CA ASP A 129 2.29 12.01 21.87
C ASP A 129 2.30 10.59 22.42
N VAL A 130 3.47 10.14 22.87
CA VAL A 130 3.57 8.85 23.54
C VAL A 130 3.76 9.08 25.04
N ILE A 131 3.47 8.06 25.84
CA ILE A 131 3.85 8.09 27.25
C ILE A 131 4.97 7.11 27.47
N LYS A 132 6.02 7.52 28.16
CA LYS A 132 7.19 6.66 28.33
C LYS A 132 7.51 6.38 29.79
N ASP A 133 7.98 5.17 30.05
CA ASP A 133 8.52 4.79 31.34
C ASP A 133 9.98 4.42 31.10
N GLY A 134 10.87 5.40 31.24
CA GLY A 134 12.25 5.22 30.83
C GLY A 134 12.31 5.22 29.32
N GLU A 135 12.75 4.12 28.73
CA GLU A 135 12.80 4.01 27.27
C GLU A 135 11.56 3.28 26.72
N LYS A 136 10.82 2.64 27.63
CA LYS A 136 9.65 1.87 27.28
C LYS A 136 8.44 2.76 26.98
N VAL A 137 7.78 2.51 25.85
CA VAL A 137 6.50 3.16 25.56
C VAL A 137 5.40 2.42 26.33
N VAL A 138 4.54 3.18 27.01
CA VAL A 138 3.52 2.58 27.86
C VAL A 138 2.13 3.14 27.61
N GLY A 139 2.00 4.04 26.63
CA GLY A 139 0.71 4.58 26.31
C GLY A 139 0.82 5.77 25.38
N ALA A 140 -0.27 6.51 25.25
CA ALA A 140 -0.28 7.65 24.34
C ALA A 140 -1.19 8.76 24.86
N LEU A 141 -0.97 9.96 24.32
CA LEU A 141 -1.88 11.07 24.50
C LEU A 141 -2.59 11.32 23.18
N TYR A 142 -3.89 11.59 23.24
CA TYR A 142 -4.63 11.94 22.04
C TYR A 142 -5.65 13.06 22.32
N LYS A 143 -6.03 13.77 21.26
CA LYS A 143 -7.00 14.86 21.36
C LYS A 143 -8.34 14.48 20.71
N ALA A 144 -9.44 14.75 21.42
CA ALA A 144 -10.76 14.39 20.92
N GLY A 146 -12.32 17.54 22.40
CA GLY A 146 -11.85 18.86 22.79
C GLY A 146 -11.00 18.86 24.06
N VAL A 147 -10.55 17.68 24.45
CA VAL A 147 -9.61 17.57 25.56
C VAL A 147 -8.51 16.58 25.22
N GLU A 148 -7.35 16.77 25.83
CA GLU A 148 -6.25 15.81 25.73
C GLU A 148 -6.49 14.65 26.69
N HIS A 149 -6.59 13.44 26.14
CA HIS A 149 -6.78 12.24 26.95
C HIS A 149 -5.49 11.44 27.06
N GLN A 150 -5.42 10.59 28.06
CA GLN A 150 -4.29 9.69 28.24
C GLN A 150 -4.82 8.25 28.19
N VAL A 151 -4.10 7.35 27.52
CA VAL A 151 -4.47 5.94 27.54
C VAL A 151 -3.22 5.10 27.74
N ARG A 152 -3.35 4.00 28.46
CA ARG A 152 -2.22 3.11 28.71
C ARG A 152 -2.36 1.84 27.87
N SER A 153 -1.22 1.36 27.37
CA SER A 153 -1.20 0.21 26.49
C SER A 153 0.05 -0.60 26.74
N LYS A 154 -0.07 -1.92 26.60
CA LYS A 154 1.08 -2.79 26.61
C LYS A 154 1.85 -2.70 25.28
N VAL A 155 1.12 -2.60 24.18
CA VAL A 155 1.76 -2.27 22.90
C VAL A 155 1.05 -1.14 22.16
N LEU A 156 1.81 -0.14 21.78
CA LEU A 156 1.29 0.96 20.97
C LEU A 156 1.62 0.67 19.52
N VAL A 157 0.60 0.46 18.69
CA VAL A 157 0.84 0.14 17.29
C VAL A 157 0.66 1.37 16.37
N ASP A 158 1.70 1.71 15.65
CA ASP A 158 1.61 2.86 14.75
C ASP A 158 1.17 2.42 13.36
N ALA A 159 -0.08 2.74 13.02
CA ALA A 159 -0.64 2.37 11.72
C ALA A 159 -1.10 3.67 11.05
N SER A 160 -0.28 4.71 11.25
CA SER A 160 -0.63 6.05 10.83
C SER A 160 -0.35 6.31 9.34
N GLY A 161 0.10 5.29 8.62
CA GLY A 161 0.39 5.42 7.21
C GLY A 161 1.46 6.47 6.92
N GLN A 162 1.26 7.22 5.83
CA GLN A 162 2.18 8.26 5.37
C GLN A 162 2.48 9.33 6.42
N ASN A 163 1.59 9.51 7.38
CA ASN A 163 1.85 10.44 8.47
C ASN A 163 3.02 10.01 9.36
N THR A 164 3.38 8.74 9.27
CA THR A 164 4.50 8.16 10.02
C THR A 164 4.69 8.78 11.40
N PHE A 165 3.65 8.71 12.22
CA PHE A 165 3.66 9.32 13.54
C PHE A 165 4.90 9.05 14.40
N LEU A 166 5.21 7.78 14.67
CA LEU A 166 6.31 7.46 15.60
C LEU A 166 7.67 7.91 15.07
N SER A 167 7.82 7.94 13.75
CA SER A 167 9.06 8.44 13.15
C SER A 167 9.16 9.96 13.31
N ARG A 168 8.05 10.64 13.08
CA ARG A 168 8.00 12.10 13.21
C ARG A 168 8.20 12.49 14.68
N LYS A 169 7.80 11.61 15.58
CA LYS A 169 7.90 11.88 17.00
C LYS A 169 9.29 11.58 17.53
N GLY A 170 10.06 10.78 16.79
CA GLY A 170 11.43 10.48 17.15
C GLY A 170 11.55 9.23 17.98
N VAL A 171 10.45 8.49 18.08
CA VAL A 171 10.46 7.20 18.76
C VAL A 171 11.00 6.13 17.81
N ALA A 172 10.48 6.10 16.59
CA ALA A 172 11.03 5.23 15.55
C ALA A 172 12.16 5.93 14.83
N GLY A 173 12.89 5.18 14.02
CA GLY A 173 14.02 5.73 13.29
C GLY A 173 13.63 6.79 12.27
N LYS A 174 14.65 7.37 11.64
CA LYS A 174 14.43 8.42 10.68
C LYS A 174 13.93 7.84 9.37
N ARG A 175 13.17 8.63 8.64
CA ARG A 175 12.70 8.24 7.33
C ARG A 175 13.87 8.25 6.33
N GLN A 176 14.24 7.08 5.81
CA GLN A 176 15.27 6.97 4.78
C GLN A 176 14.64 6.99 3.38
N ILE A 177 14.80 8.10 2.67
CA ILE A 177 14.14 8.29 1.37
C ILE A 177 15.03 7.80 0.23
N GLU A 178 14.41 7.14 -0.74
CA GLU A 178 15.13 6.70 -1.91
C GLU A 178 15.13 7.85 -2.91
N PHE A 179 16.20 8.63 -2.90
CA PHE A 179 16.20 9.91 -3.59
C PHE A 179 16.16 9.73 -5.10
N PHE A 180 16.78 8.67 -5.61
CA PHE A 180 16.91 8.54 -7.04
C PHE A 180 15.59 8.23 -7.76
N SER A 181 14.56 7.80 -7.02
CA SER A 181 13.31 7.42 -7.66
C SER A 181 12.12 8.28 -7.25
N GLN A 182 12.40 9.46 -6.70
CA GLN A 182 11.34 10.33 -6.21
C GLN A 182 10.42 10.80 -7.32
N GLN A 183 9.12 10.59 -7.12
CA GLN A 183 8.13 10.94 -8.13
C GLN A 183 7.00 11.70 -7.46
N ILE A 184 6.23 12.42 -8.26
CA ILE A 184 5.00 13.05 -7.78
C ILE A 184 3.83 12.48 -8.57
N ALA A 185 2.78 12.04 -7.87
CA ALA A 185 1.63 11.47 -8.53
C ALA A 185 0.49 12.49 -8.60
N SER A 186 -0.18 12.58 -9.74
CA SER A 186 -1.32 13.48 -9.89
C SER A 186 -2.47 12.64 -10.39
N PHE A 187 -3.65 12.81 -9.81
CA PHE A 187 -4.73 11.90 -10.16
C PHE A 187 -6.10 12.56 -10.03
N ALA A 188 -7.07 11.94 -10.68
CA ALA A 188 -8.45 12.40 -10.61
C ALA A 188 -9.33 11.25 -11.04
N HIS A 189 -10.61 11.35 -10.72
CA HIS A 189 -11.60 10.38 -11.19
C HIS A 189 -12.35 10.91 -12.42
N TYR A 190 -12.64 10.01 -13.36
CA TYR A 190 -13.35 10.36 -14.58
C TYR A 190 -14.50 9.39 -14.85
N LYS A 191 -15.57 9.88 -15.46
CA LYS A 191 -16.57 9.01 -16.05
C LYS A 191 -16.39 9.00 -17.57
N GLY A 192 -16.90 7.96 -18.22
CA GLY A 192 -16.91 7.88 -19.66
C GLY A 192 -15.61 7.48 -20.31
N VAL A 193 -14.72 6.85 -19.54
CA VAL A 193 -13.47 6.37 -20.10
C VAL A 193 -13.79 5.15 -20.94
N GLU A 194 -13.04 4.95 -22.02
CA GLU A 194 -13.24 3.79 -22.87
C GLU A 194 -12.49 2.60 -22.27
N ARG A 195 -13.24 1.56 -21.92
CA ARG A 195 -12.66 0.38 -21.30
C ARG A 195 -12.35 -0.70 -22.33
N ASP A 196 -11.39 -1.56 -21.97
CA ASP A 196 -11.06 -2.70 -22.80
C ASP A 196 -12.26 -3.63 -22.91
N LEU A 197 -12.14 -4.63 -23.78
CA LEU A 197 -13.20 -5.58 -24.04
C LEU A 197 -13.32 -6.62 -22.95
N PRO A 198 -14.55 -6.95 -22.55
CA PRO A 198 -14.79 -8.10 -21.69
C PRO A 198 -14.12 -9.31 -22.32
N PRO A 199 -13.56 -10.24 -21.52
CA PRO A 199 -13.64 -10.32 -20.06
C PRO A 199 -12.55 -9.55 -19.31
N PHE A 200 -11.89 -8.60 -19.96
CA PHE A 200 -10.83 -7.85 -19.30
C PHE A 200 -11.14 -6.37 -19.20
N SER A 201 -12.41 -6.02 -19.12
CA SER A 201 -12.75 -4.61 -19.09
C SER A 201 -12.34 -3.89 -17.80
N THR A 202 -12.04 -4.65 -16.76
CA THR A 202 -11.69 -4.03 -15.48
C THR A 202 -10.30 -4.39 -14.96
N ASN A 203 -9.42 -4.80 -15.88
CA ASN A 203 -7.99 -4.92 -15.60
C ASN A 203 -7.48 -3.57 -15.12
N THR A 204 -6.39 -3.59 -14.36
CA THR A 204 -5.65 -2.35 -14.09
C THR A 204 -4.80 -2.09 -15.34
N THR A 205 -4.69 -0.84 -15.77
CA THR A 205 -3.79 -0.55 -16.89
C THR A 205 -2.65 0.34 -16.42
N ILE A 206 -1.41 -0.07 -16.70
CA ILE A 206 -0.25 0.77 -16.42
C ILE A 206 0.38 1.16 -17.75
N LEU A 207 0.58 2.44 -17.96
CA LEU A 207 1.27 2.88 -19.17
C LEU A 207 2.53 3.61 -18.73
N TYR A 208 3.67 3.27 -19.34
CA TYR A 208 4.90 3.92 -18.95
C TYR A 208 5.71 4.31 -20.19
N SER A 209 6.51 5.37 -20.07
CA SER A 209 7.40 5.77 -21.15
C SER A 209 8.83 5.71 -20.63
N LYS A 210 9.41 6.86 -20.29
CA LYS A 210 10.75 6.87 -19.72
C LYS A 210 10.72 6.32 -18.29
N GLN A 211 11.90 6.00 -17.76
CA GLN A 211 11.99 5.51 -16.39
C GLN A 211 11.30 6.50 -15.46
N TYR A 212 10.42 6.02 -14.59
CA TYR A 212 9.72 6.86 -13.62
C TYR A 212 8.73 7.85 -14.24
N HIS A 213 8.32 7.56 -15.47
CA HIS A 213 7.24 8.30 -16.10
C HIS A 213 6.15 7.29 -16.40
N TRP A 214 5.01 7.38 -15.71
CA TRP A 214 3.99 6.37 -15.95
C TRP A 214 2.60 6.85 -15.57
N SER A 215 1.59 6.02 -15.85
CA SER A 215 0.23 6.42 -15.58
C SER A 215 -0.58 5.16 -15.30
N TRP A 216 -1.64 5.31 -14.50
CA TRP A 216 -2.55 4.20 -14.25
C TRP A 216 -3.95 4.56 -14.71
N ILE A 217 -4.71 3.53 -15.05
CA ILE A 217 -6.14 3.67 -15.23
C ILE A 217 -6.73 2.52 -14.46
N ILE A 218 -7.52 2.82 -13.45
CA ILE A 218 -8.13 1.79 -12.62
C ILE A 218 -9.65 1.99 -12.52
N PRO A 219 -10.42 1.02 -13.01
CA PRO A 219 -11.88 1.15 -12.85
C PRO A 219 -12.25 0.94 -11.39
N ILE A 220 -13.07 1.81 -10.81
CA ILE A 220 -13.40 1.74 -9.40
C ILE A 220 -14.90 1.71 -9.13
N SER A 221 -15.70 1.81 -10.18
CA SER A 221 -17.16 1.65 -10.03
C SER A 221 -17.70 1.31 -11.41
N PRO A 222 -19.03 1.12 -11.54
CA PRO A 222 -19.56 0.75 -12.87
C PRO A 222 -19.26 1.77 -13.97
N ASP A 223 -19.10 3.05 -13.65
CA ASP A 223 -18.85 4.03 -14.69
C ASP A 223 -17.66 4.96 -14.42
N THR A 224 -16.92 4.70 -13.35
CA THR A 224 -15.87 5.63 -12.93
C THR A 224 -14.49 4.96 -12.98
N ASP A 225 -13.50 5.68 -13.49
CA ASP A 225 -12.13 5.18 -13.59
C ASP A 225 -11.19 6.17 -12.87
N SER A 226 -10.20 5.63 -12.17
CA SER A 226 -9.19 6.45 -11.53
C SER A 226 -8.03 6.61 -12.50
N LEU A 227 -7.58 7.85 -12.72
CA LEU A 227 -6.45 8.11 -13.59
C LEU A 227 -5.35 8.72 -12.73
N GLY A 228 -4.12 8.24 -12.89
CA GLY A 228 -2.98 8.90 -12.29
C GLY A 228 -1.89 9.09 -13.34
N VAL A 229 -1.17 10.20 -13.23
CA VAL A 229 0.05 10.42 -14.01
C VAL A 229 1.15 10.70 -12.99
N VAL A 230 2.25 9.95 -13.11
CA VAL A 230 3.29 9.94 -12.10
C VAL A 230 4.61 10.26 -12.83
N ILE A 231 5.31 11.30 -12.39
CA ILE A 231 6.52 11.71 -13.10
C ILE A 231 7.59 12.06 -12.08
N PRO A 232 8.85 12.14 -12.53
CA PRO A 232 9.89 12.50 -11.55
C PRO A 232 9.63 13.85 -10.91
N LYS A 233 10.04 13.95 -9.65
CA LYS A 233 9.87 15.15 -8.85
C LYS A 233 10.38 16.41 -9.55
N ASP A 234 11.57 16.36 -10.11
CA ASP A 234 12.11 17.54 -10.78
C ASP A 234 11.27 17.99 -11.97
N LEU A 235 10.85 17.05 -12.81
CA LEU A 235 9.98 17.39 -13.94
C LEU A 235 8.69 18.06 -13.47
N TYR A 236 8.11 17.54 -12.39
CA TYR A 236 6.87 18.10 -11.86
C TYR A 236 7.05 19.56 -11.47
N TYR A 237 8.11 19.84 -10.72
CA TYR A 237 8.32 21.19 -10.19
C TYR A 237 8.86 22.16 -11.23
N LYS A 238 9.32 21.65 -12.37
CA LYS A 238 9.79 22.50 -13.44
C LYS A 238 8.72 22.84 -14.47
N GLU A 239 8.02 21.81 -14.96
CA GLU A 239 7.08 21.96 -16.05
C GLU A 239 5.59 21.96 -15.68
N CYS A 240 5.24 21.42 -14.51
CA CYS A 240 3.81 21.28 -14.18
C CYS A 240 3.36 22.13 -13.00
N LYS A 241 3.96 21.84 -11.85
CA LYS A 241 3.70 22.59 -10.60
C LYS A 241 2.34 22.31 -9.96
N ASN A 242 1.38 21.83 -10.75
CA ASN A 242 0.05 21.49 -10.21
C ASN A 242 -0.58 20.31 -10.94
N PRO A 243 -1.50 19.60 -10.27
CA PRO A 243 -1.97 18.30 -10.76
C PRO A 243 -2.63 18.34 -12.12
N ASP A 244 -3.40 19.39 -12.43
CA ASP A 244 -4.05 19.50 -13.72
C ASP A 244 -3.03 19.51 -14.87
N ASP A 245 -1.97 20.28 -14.70
CA ASP A 245 -0.91 20.36 -15.69
C ASP A 245 -0.11 19.07 -15.81
N ALA A 246 0.11 18.39 -14.69
CA ALA A 246 0.81 17.11 -14.74
C ALA A 246 0.01 16.03 -15.48
N ILE A 247 -1.30 15.99 -15.24
CA ILE A 247 -2.13 15.01 -15.92
C ILE A 247 -2.12 15.31 -17.41
N ALA A 248 -2.24 16.59 -17.76
CA ALA A 248 -2.22 16.98 -19.17
C ALA A 248 -0.89 16.64 -19.81
N TRP A 249 0.20 16.75 -19.04
CA TRP A 249 1.51 16.37 -19.52
C TRP A 249 1.53 14.89 -19.89
N GLY A 250 0.92 14.06 -19.06
CA GLY A 250 0.91 12.64 -19.34
C GLY A 250 0.07 12.36 -20.58
N MET A 251 -1.05 13.06 -20.70
CA MET A 251 -1.88 12.95 -21.88
C MET A 251 -1.07 13.24 -23.14
N ASP A 252 -0.26 14.31 -23.07
CA ASP A 252 0.47 14.77 -24.24
C ASP A 252 1.76 13.98 -24.51
N HIS A 253 2.32 13.38 -23.47
CA HIS A 253 3.70 12.88 -23.56
C HIS A 253 3.97 11.44 -23.14
N ILE A 254 3.07 10.83 -22.38
CA ILE A 254 3.37 9.50 -21.88
C ILE A 254 2.87 8.39 -22.79
N SER A 255 1.66 8.53 -23.32
CA SER A 255 1.10 7.49 -24.16
C SER A 255 -0.11 7.98 -24.93
N PRO A 256 -0.14 7.70 -26.23
CA PRO A 256 -1.32 8.03 -27.05
C PRO A 256 -2.57 7.27 -26.59
N GLU A 257 -2.39 6.17 -25.86
CA GLU A 257 -3.52 5.45 -25.27
C GLU A 257 -4.36 6.35 -24.37
N LEU A 258 -3.70 7.25 -23.64
CA LEU A 258 -4.43 8.12 -22.73
C LEU A 258 -5.44 8.97 -23.47
N LYS A 259 -4.98 9.73 -24.45
CA LYS A 259 -5.91 10.56 -25.22
C LYS A 259 -7.02 9.71 -25.83
N ARG A 260 -6.67 8.55 -26.35
CA ARG A 260 -7.68 7.72 -26.96
C ARG A 260 -8.74 7.33 -25.93
N ARG A 261 -8.30 6.70 -24.84
CA ARG A 261 -9.22 6.21 -23.83
C ARG A 261 -10.03 7.35 -23.17
N PHE A 262 -9.44 8.54 -23.11
CA PHE A 262 -10.09 9.65 -22.41
C PHE A 262 -10.81 10.65 -23.32
N LYS A 263 -10.97 10.29 -24.58
CA LYS A 263 -11.52 11.21 -25.60
C LYS A 263 -12.88 11.77 -25.22
N ASN A 264 -13.78 10.89 -24.78
CA ASN A 264 -15.13 11.30 -24.39
C ASN A 264 -15.34 11.26 -22.88
N ALA A 265 -14.25 11.32 -22.12
CA ALA A 265 -14.33 11.19 -20.67
C ALA A 265 -14.57 12.54 -20.03
N GLU A 266 -15.11 12.49 -18.82
CA GLU A 266 -15.51 13.70 -18.10
C GLU A 266 -15.04 13.61 -16.66
N ARG A 267 -14.24 14.59 -16.23
CA ARG A 267 -13.67 14.54 -14.89
C ARG A 267 -14.72 14.77 -13.82
N GLN A 268 -14.57 14.06 -12.71
CA GLN A 268 -15.50 14.14 -11.58
C GLN A 268 -14.77 14.71 -10.39
N GLY A 269 -15.00 15.98 -10.08
CA GLY A 269 -14.33 16.61 -8.96
C GLY A 269 -12.97 17.14 -9.37
N ASP A 270 -12.12 17.40 -8.37
CA ASP A 270 -10.84 18.04 -8.65
C ASP A 270 -9.69 17.05 -8.60
N SER A 271 -8.59 17.40 -9.27
CA SER A 271 -7.41 16.57 -9.25
C SER A 271 -6.58 16.88 -8.02
N GLN A 272 -5.69 15.96 -7.65
CA GLN A 272 -4.81 16.16 -6.51
C GLN A 272 -3.43 15.67 -6.87
N SER A 273 -2.42 16.17 -6.15
CA SER A 273 -1.04 15.68 -6.28
C SER A 273 -0.55 15.13 -4.95
N MET A 274 0.38 14.19 -5.02
CA MET A 274 0.85 13.52 -3.83
C MET A 274 2.27 12.99 -4.05
N ALA A 275 3.11 13.04 -3.01
CA ALA A 275 4.46 12.48 -3.12
C ALA A 275 4.43 10.97 -3.34
N ASP A 276 5.22 10.50 -4.30
CA ASP A 276 5.47 9.09 -4.50
C ASP A 276 6.97 8.85 -4.28
N PHE A 277 7.39 8.94 -3.01
CA PHE A 277 8.78 8.71 -2.63
C PHE A 277 8.82 7.40 -1.86
N SER A 278 9.65 6.46 -2.31
CA SER A 278 9.90 5.25 -1.53
C SER A 278 10.70 5.60 -0.27
N TYR A 279 10.41 4.94 0.83
CA TYR A 279 11.14 5.17 2.07
C TYR A 279 11.08 3.97 2.99
N ARG A 280 12.03 3.87 3.91
CA ARG A 280 11.89 2.94 5.03
C ARG A 280 12.40 3.57 6.30
N ILE A 281 11.83 3.13 7.42
CA ILE A 281 12.10 3.68 8.71
C ILE A 281 12.62 2.56 9.58
N GLU A 282 13.78 2.76 10.19
CA GLU A 282 14.42 1.72 10.97
C GLU A 282 15.12 2.38 12.15
N PRO A 283 14.92 1.85 13.37
CA PRO A 283 14.07 0.72 13.76
C PRO A 283 12.59 1.05 13.61
N PHE A 284 11.76 0.02 13.44
CA PHE A 284 10.32 0.24 13.38
C PHE A 284 9.62 -0.67 14.40
N VAL A 285 10.42 -1.23 15.31
CA VAL A 285 9.92 -1.93 16.47
C VAL A 285 10.75 -1.53 17.69
N GLY A 286 10.15 -1.58 18.86
CA GLY A 286 10.84 -1.19 20.08
C GLY A 286 10.07 -1.61 21.30
N ASP A 287 10.60 -1.27 22.48
CA ASP A 287 9.98 -1.67 23.73
C ASP A 287 8.64 -0.98 23.93
N GLY A 288 7.55 -1.73 23.76
CA GLY A 288 6.20 -1.21 23.92
C GLY A 288 5.58 -0.58 22.67
N TRP A 289 6.25 -0.68 21.53
CA TRP A 289 5.71 -0.09 20.29
C TRP A 289 6.15 -0.82 19.03
N MET A 290 5.37 -0.68 17.96
CA MET A 290 5.79 -1.17 16.65
C MET A 290 5.06 -0.40 15.55
N CYS A 291 5.63 -0.37 14.36
CA CYS A 291 4.94 0.22 13.20
C CYS A 291 4.54 -0.88 12.22
N ILE A 292 3.42 -0.67 11.55
CA ILE A 292 2.95 -1.55 10.49
C ILE A 292 2.49 -0.70 9.32
N GLY A 293 2.53 -1.25 8.12
CA GLY A 293 2.05 -0.55 6.94
C GLY A 293 2.96 0.60 6.52
N ASP A 294 2.37 1.63 5.93
CA ASP A 294 3.15 2.77 5.45
C ASP A 294 3.81 3.57 6.56
N ALA A 295 3.40 3.33 7.81
CA ALA A 295 3.99 4.00 8.95
C ALA A 295 5.47 3.70 9.08
N HIS A 296 5.94 2.62 8.43
CA HIS A 296 7.39 2.41 8.38
C HIS A 296 7.98 2.19 6.98
N ARG A 297 7.18 1.84 5.98
CA ARG A 297 7.75 1.53 4.68
C ARG A 297 6.78 1.73 3.53
N PHE A 298 7.26 2.39 2.47
CA PHE A 298 6.39 2.68 1.32
C PHE A 298 7.11 2.31 0.04
N LEU A 299 6.47 1.49 -0.80
CA LEU A 299 7.03 1.10 -2.08
C LEU A 299 6.31 1.78 -3.23
N ASP A 300 7.03 1.96 -4.34
CA ASP A 300 6.48 2.52 -5.57
C ASP A 300 5.19 1.81 -5.91
N PRO A 301 4.10 2.58 -5.99
CA PRO A 301 2.78 1.96 -6.21
C PRO A 301 2.54 1.52 -7.65
N ILE A 302 3.55 1.51 -8.51
CA ILE A 302 3.31 1.03 -9.86
C ILE A 302 2.77 -0.41 -9.83
N PHE A 303 3.26 -1.22 -8.89
CA PHE A 303 2.72 -2.56 -8.72
C PHE A 303 1.78 -2.78 -7.53
N SER A 304 1.20 -1.69 -7.04
CA SER A 304 0.07 -1.78 -6.12
C SER A 304 0.23 -2.80 -4.99
N TYR A 305 1.29 -2.68 -4.20
CA TYR A 305 1.48 -3.59 -3.06
C TYR A 305 0.91 -3.04 -1.75
N GLY A 306 0.67 -1.74 -1.72
CA GLY A 306 0.45 -1.03 -0.46
C GLY A 306 -0.59 -1.60 0.49
N VAL A 307 -1.83 -1.73 0.01
CA VAL A 307 -2.91 -2.16 0.88
C VAL A 307 -2.68 -3.62 1.27
N SER A 308 -2.25 -4.42 0.30
CA SER A 308 -1.97 -5.83 0.54
C SER A 308 -0.93 -6.02 1.66
N PHE A 309 0.17 -5.27 1.59
CA PHE A 309 1.20 -5.34 2.61
C PHE A 309 0.77 -4.76 3.95
N ALA A 310 -0.03 -3.71 3.90
CA ALA A 310 -0.57 -3.12 5.13
C ALA A 310 -1.37 -4.17 5.90
N MET A 311 -2.25 -4.86 5.20
CA MET A 311 -3.05 -5.89 5.83
C MET A 311 -2.20 -7.06 6.36
N LYS A 312 -1.24 -7.51 5.57
CA LYS A 312 -0.39 -8.62 5.97
C LYS A 312 0.41 -8.29 7.22
N GLU A 313 0.93 -7.06 7.28
CA GLU A 313 1.72 -6.66 8.44
C GLU A 313 0.87 -6.48 9.70
N GLY A 314 -0.36 -6.00 9.53
CA GLY A 314 -1.26 -5.90 10.66
C GLY A 314 -1.54 -7.29 11.22
N ILE A 315 -1.77 -8.24 10.33
CA ILE A 315 -2.04 -9.62 10.74
C ILE A 315 -0.84 -10.25 11.45
N ARG A 316 0.34 -10.12 10.86
CA ARG A 316 1.56 -10.70 11.47
C ARG A 316 1.97 -9.99 12.76
N ALA A 317 1.77 -8.68 12.83
CA ALA A 317 2.02 -7.96 14.08
C ALA A 317 1.18 -8.48 15.24
N ALA A 318 -0.08 -8.82 14.98
CA ALA A 318 -0.96 -9.30 16.05
C ALA A 318 -0.38 -10.55 16.73
N GLU A 319 0.24 -11.40 15.94
CA GLU A 319 0.89 -12.59 16.50
C GLU A 319 2.02 -12.19 17.45
N ALA A 320 2.87 -11.26 17.03
CA ALA A 320 3.93 -10.76 17.90
C ALA A 320 3.37 -10.09 19.16
N ILE A 321 2.34 -9.27 18.97
CA ILE A 321 1.75 -8.54 20.09
C ILE A 321 1.21 -9.53 21.12
N ALA A 322 0.53 -10.57 20.65
CA ALA A 322 -0.05 -11.56 21.55
C ALA A 322 1.03 -12.22 22.42
N GLN A 323 2.22 -12.43 21.84
CA GLN A 323 3.31 -13.08 22.55
C GLN A 323 3.83 -12.20 23.69
N VAL A 324 3.87 -10.89 23.44
CA VAL A 324 4.37 -9.94 24.41
C VAL A 324 3.33 -9.74 25.52
N VAL A 325 2.07 -9.64 25.15
CA VAL A 325 1.01 -9.50 26.15
C VAL A 325 0.92 -10.76 27.01
N ALA A 326 1.24 -11.90 26.42
CA ALA A 326 1.24 -13.17 27.14
C ALA A 326 2.42 -13.32 28.10
N GLY A 327 3.39 -12.40 28.04
CA GLY A 327 4.47 -12.41 29.01
C GLY A 327 5.89 -12.25 28.51
N GLN A 328 6.11 -12.47 27.21
CA GLN A 328 7.46 -12.35 26.66
C GLN A 328 8.00 -10.93 26.62
N ASP A 329 9.30 -10.81 26.78
CA ASP A 329 9.98 -9.56 26.50
C ASP A 329 9.78 -9.22 25.01
N TRP A 330 9.79 -7.93 24.67
CA TRP A 330 9.48 -7.48 23.31
C TRP A 330 10.41 -7.99 22.21
N LYS A 331 11.69 -8.19 22.53
CA LYS A 331 12.69 -8.38 21.50
C LYS A 331 12.49 -9.58 20.57
N ALA A 332 12.42 -10.77 21.12
CA ALA A 332 12.30 -11.95 20.25
C ALA A 332 11.05 -11.86 19.36
N PRO A 333 9.88 -11.56 19.95
CA PRO A 333 8.67 -11.48 19.12
C PRO A 333 8.70 -10.33 18.08
N PHE A 334 9.14 -9.15 18.49
CA PHE A 334 9.16 -8.00 17.59
C PHE A 334 10.25 -8.12 16.54
N TYR A 335 11.39 -8.70 16.90
CA TYR A 335 12.45 -8.88 15.91
C TYR A 335 12.06 -9.95 14.89
N ALA A 336 11.23 -10.90 15.29
CA ALA A 336 10.73 -11.90 14.36
C ALA A 336 9.79 -11.26 13.34
N TYR A 337 8.94 -10.36 13.81
CA TYR A 337 8.05 -9.61 12.93
C TYR A 337 8.89 -8.75 11.97
N ARG A 338 9.82 -8.00 12.56
CA ARG A 338 10.72 -7.17 11.78
C ARG A 338 11.41 -7.95 10.65
N ASP A 339 11.99 -9.11 10.99
CA ASP A 339 12.73 -9.88 10.00
C ASP A 339 11.81 -10.37 8.89
N TRP A 340 10.61 -10.79 9.28
CA TRP A 340 9.63 -11.30 8.32
C TRP A 340 9.20 -10.18 7.37
N SER A 341 8.97 -8.99 7.93
CA SER A 341 8.56 -7.84 7.12
C SER A 341 9.65 -7.42 6.15
N ASN A 342 10.87 -7.27 6.66
CA ASN A 342 11.98 -6.89 5.80
C ASN A 342 12.15 -7.88 4.65
N GLY A 343 12.00 -9.18 4.95
CA GLY A 343 12.18 -10.19 3.93
C GLY A 343 11.26 -9.93 2.75
N GLY A 344 9.98 -9.76 3.04
CA GLY A 344 8.99 -9.64 2.00
C GLY A 344 9.09 -8.32 1.27
N GLN A 345 9.20 -7.27 2.05
CA GLN A 345 9.25 -5.92 1.49
C GLN A 345 10.47 -5.74 0.59
N GLN A 346 11.59 -6.37 0.92
CA GLN A 346 12.78 -6.23 0.07
C GLN A 346 12.60 -6.95 -1.28
N ILE A 347 11.93 -8.09 -1.25
CA ILE A 347 11.66 -8.79 -2.50
C ILE A 347 10.79 -7.94 -3.42
N ALA A 348 9.74 -7.36 -2.85
CA ALA A 348 8.86 -6.47 -3.61
C ALA A 348 9.63 -5.26 -4.14
N ALA A 349 10.47 -4.67 -3.30
CA ALA A 349 11.26 -3.52 -3.71
C ALA A 349 12.22 -3.87 -4.85
N ASP A 350 12.82 -5.05 -4.75
CA ASP A 350 13.73 -5.54 -5.82
C ASP A 350 13.01 -5.75 -7.14
N LEU A 351 11.82 -6.35 -7.06
CA LEU A 351 11.03 -6.57 -8.27
C LEU A 351 10.77 -5.24 -8.96
N ILE A 352 10.38 -4.24 -8.19
CA ILE A 352 10.08 -2.91 -8.75
C ILE A 352 11.33 -2.30 -9.37
N ARG A 353 12.45 -2.38 -8.66
CA ARG A 353 13.71 -1.82 -9.16
C ARG A 353 14.16 -2.52 -10.44
N TYR A 354 14.08 -3.83 -10.41
CA TYR A 354 14.43 -4.63 -11.58
C TYR A 354 13.60 -4.23 -12.79
N PHE A 355 12.29 -4.07 -12.60
CA PHE A 355 11.42 -3.64 -13.68
C PHE A 355 11.84 -2.30 -14.25
N TRP A 356 12.07 -1.32 -13.38
CA TRP A 356 12.41 0.02 -13.84
C TRP A 356 13.73 0.08 -14.61
N ILE A 357 14.69 -0.75 -14.22
CA ILE A 357 15.97 -0.76 -14.94
C ILE A 357 15.83 -1.51 -16.27
N TYR A 358 15.12 -2.64 -16.26
CA TYR A 358 15.00 -3.47 -17.47
C TYR A 358 13.55 -3.83 -17.80
N PRO A 359 12.74 -2.82 -18.13
CA PRO A 359 11.30 -3.06 -18.35
C PRO A 359 11.02 -3.99 -19.54
N ILE A 360 11.80 -3.85 -20.61
CA ILE A 360 11.64 -4.70 -21.81
C ILE A 360 12.09 -6.12 -21.50
N PHE A 361 13.26 -6.28 -20.89
CA PHE A 361 13.72 -7.59 -20.44
C PHE A 361 12.71 -8.24 -19.51
N PHE A 362 12.13 -7.45 -18.60
CA PHE A 362 11.09 -7.94 -17.71
C PHE A 362 9.97 -8.56 -18.55
N GLY A 363 9.52 -7.83 -19.57
CA GLY A 363 8.54 -8.34 -20.52
C GLY A 363 8.98 -9.63 -21.21
N TYR A 364 10.16 -9.63 -21.81
CA TYR A 364 10.67 -10.84 -22.43
C TYR A 364 10.74 -12.01 -21.45
N GLN A 365 11.08 -11.75 -20.19
CA GLN A 365 11.18 -12.84 -19.22
C GLN A 365 9.82 -13.45 -18.84
N MET A 366 8.74 -12.74 -19.11
CA MET A 366 7.42 -13.29 -18.78
C MET A 366 7.02 -14.38 -19.76
N GLN A 367 7.67 -14.39 -20.93
CA GLN A 367 7.51 -15.46 -21.90
C GLN A 367 8.06 -16.78 -21.36
N ASN A 368 8.77 -16.71 -20.23
CA ASN A 368 9.33 -17.89 -19.59
C ASN A 368 8.35 -18.39 -18.56
N PRO A 369 7.80 -19.60 -18.77
CA PRO A 369 6.74 -20.15 -17.91
C PRO A 369 7.10 -20.19 -16.41
N ASP A 370 8.31 -20.62 -16.08
CA ASP A 370 8.76 -20.68 -14.69
C ASP A 370 8.82 -19.30 -14.01
N LEU A 371 9.50 -18.35 -14.66
CA LEU A 371 9.57 -17.00 -14.13
C LEU A 371 8.18 -16.40 -14.07
N ARG A 372 7.45 -16.53 -15.17
CA ARG A 372 6.10 -16.01 -15.25
C ARG A 372 5.29 -16.42 -14.03
N ASP A 373 5.33 -17.71 -13.69
CA ASP A 373 4.51 -18.18 -12.57
C ASP A 373 4.96 -17.61 -11.22
N GLU A 374 6.27 -17.53 -11.00
CA GLU A 374 6.76 -16.87 -9.79
C GLU A 374 6.32 -15.39 -9.73
N VAL A 375 6.39 -14.69 -10.86
CA VAL A 375 6.05 -13.27 -10.86
C VAL A 375 4.57 -13.09 -10.59
N ILE A 376 3.75 -14.01 -11.08
CA ILE A 376 2.33 -13.98 -10.76
C ILE A 376 2.11 -14.06 -9.24
N ARG A 377 2.84 -14.94 -8.56
CA ARG A 377 2.67 -15.05 -7.11
C ARG A 377 3.21 -13.80 -6.41
N LEU A 378 4.40 -13.35 -6.84
CA LEU A 378 5.03 -12.18 -6.25
C LEU A 378 4.17 -10.93 -6.43
N LEU A 379 3.62 -10.72 -7.62
CA LEU A 379 2.74 -9.58 -7.84
C LEU A 379 1.42 -9.75 -7.10
N GLY A 380 1.14 -10.99 -6.70
CA GLY A 380 -0.05 -11.28 -5.93
C GLY A 380 0.17 -10.97 -4.47
N GLY A 381 1.41 -10.65 -4.11
CA GLY A 381 1.73 -10.22 -2.75
C GLY A 381 2.39 -11.30 -1.92
N CYS A 382 2.64 -12.46 -2.52
CA CYS A 382 3.21 -13.59 -1.79
C CYS A 382 4.73 -13.51 -1.76
N CYS A 383 5.24 -12.50 -1.08
CA CYS A 383 6.67 -12.25 -1.05
C CYS A 383 7.28 -12.70 0.26
N PHE A 384 6.48 -13.32 1.13
CA PHE A 384 6.93 -13.52 2.50
C PHE A 384 7.38 -14.94 2.83
N ASP A 385 7.32 -15.83 1.84
CA ASP A 385 7.80 -17.21 1.98
C ASP A 385 8.40 -17.71 0.67
N CYS A 386 9.61 -17.25 0.34
CA CYS A 386 10.17 -17.45 -0.99
C CYS A 386 11.54 -18.13 -0.99
N GLU A 387 11.87 -18.84 0.08
CA GLU A 387 13.15 -19.53 0.13
C GLU A 387 13.24 -20.48 -1.04
N GLY A 388 14.24 -20.29 -1.89
CA GLY A 388 14.47 -21.20 -3.00
C GLY A 388 13.81 -20.88 -4.33
N TRP A 389 13.14 -19.74 -4.42
CA TRP A 389 12.59 -19.32 -5.70
C TRP A 389 13.71 -18.75 -6.56
N LYS A 390 13.47 -18.63 -7.85
CA LYS A 390 14.49 -18.16 -8.78
C LYS A 390 14.44 -16.64 -8.95
N ALA A 391 13.24 -16.10 -9.05
CA ALA A 391 13.05 -14.69 -9.40
C ALA A 391 13.68 -13.70 -8.42
N PRO A 392 13.42 -13.87 -7.11
CA PRO A 392 14.02 -12.93 -6.14
C PRO A 392 15.53 -12.84 -6.31
N ALA A 393 16.16 -13.99 -6.53
CA ALA A 393 17.60 -14.06 -6.75
C ALA A 393 18.03 -13.28 -7.99
N ILE A 394 17.28 -13.47 -9.07
CA ILE A 394 17.57 -12.81 -10.33
C ILE A 394 17.47 -11.31 -10.18
N PHE A 395 16.43 -10.85 -9.49
CA PHE A 395 16.27 -9.42 -9.25
C PHE A 395 17.45 -8.87 -8.46
N ARG A 396 17.75 -9.51 -7.34
CA ARG A 396 18.77 -9.02 -6.44
C ARG A 396 20.13 -8.96 -7.14
N ASN A 397 20.49 -10.06 -7.81
CA ASN A 397 21.76 -10.12 -8.52
C ASN A 397 21.88 -9.04 -9.58
N ALA A 398 20.81 -8.82 -10.35
CA ALA A 398 20.81 -7.83 -11.43
C ALA A 398 21.01 -6.41 -10.90
N ILE A 399 20.26 -6.08 -9.85
CA ILE A 399 20.38 -4.79 -9.20
C ILE A 399 21.79 -4.59 -8.68
N GLU A 400 22.35 -5.60 -8.05
CA GLU A 400 23.70 -5.47 -7.51
C GLU A 400 24.73 -5.29 -8.63
N GLU A 401 24.57 -6.07 -9.71
CA GLU A 401 25.42 -5.92 -10.88
C GLU A 401 25.31 -4.53 -11.48
N TYR A 402 24.07 -4.04 -11.62
CA TYR A 402 23.84 -2.70 -12.17
C TYR A 402 24.51 -1.64 -11.29
N ASP A 403 24.31 -1.75 -9.98
CA ASP A 403 24.86 -0.75 -9.07
C ASP A 403 26.39 -0.78 -9.03
N ARG A 404 26.97 -1.98 -8.99
CA ARG A 404 28.41 -2.11 -8.80
C ARG A 404 29.20 -1.60 -10.00
N LYS A 405 28.52 -1.39 -11.11
CA LYS A 405 29.18 -1.03 -12.36
C LYS A 405 28.97 0.44 -12.73
N GLN A 406 28.11 1.14 -11.97
CA GLN A 406 27.78 2.53 -12.28
C GLN A 406 28.89 3.50 -11.89
PA FAD B . -3.43 4.52 5.60
O1A FAD B . -4.31 3.82 4.78
O2A FAD B . -2.97 5.79 5.18
O5B FAD B . -4.20 4.73 6.90
C5B FAD B . -3.67 5.46 7.96
C4B FAD B . -4.71 6.08 8.88
O4B FAD B . -4.14 6.69 10.00
C3B FAD B . -5.49 7.17 8.17
O3B FAD B . -6.85 6.85 8.13
C2B FAD B . -5.20 8.40 8.98
O2B FAD B . -6.32 9.21 9.07
C1B FAD B . -4.79 7.88 10.36
N9A FAD B . -3.86 8.71 11.15
C8A FAD B . -2.73 9.24 10.73
N7A FAD B . -2.10 9.88 11.72
C5A FAD B . -2.84 9.76 12.78
C6A FAD B . -2.80 10.21 14.17
N6A FAD B . -1.79 10.92 14.64
N1A FAD B . -3.78 9.86 14.96
C2A FAD B . -4.78 9.16 14.53
N3A FAD B . -4.90 8.76 13.30
C4A FAD B . -3.99 9.00 12.41
N1 FAD B . -1.86 0.68 -2.73
C2 FAD B . -2.50 -0.34 -3.30
O2 FAD B . -2.65 -1.34 -2.63
N3 FAD B . -2.90 -0.26 -4.57
C4 FAD B . -2.74 0.82 -5.36
O4 FAD B . -3.13 0.87 -6.51
C4X FAD B . -2.08 1.99 -4.75
N5 FAD B . -1.85 3.12 -5.43
C5X FAD B . -1.26 4.16 -4.89
C6 FAD B . -1.04 5.31 -5.59
C7 FAD B . -0.45 6.40 -5.00
C7M FAD B . -0.21 7.66 -5.76
C8 FAD B . -0.04 6.32 -3.60
C8M FAD B . 0.63 7.47 -2.95
C9 FAD B . -0.26 5.16 -2.90
C9A FAD B . -0.85 4.06 -3.49
N10 FAD B . -1.07 2.91 -2.74
C10 FAD B . -1.66 1.83 -3.36
C1' FAD B . -0.62 2.81 -1.39
C2' FAD B . -1.69 2.75 -0.34
O2' FAD B . -2.53 3.87 -0.41
C3' FAD B . -1.07 2.58 1.07
O3' FAD B . -0.02 1.64 1.03
C4' FAD B . -2.09 2.20 2.12
O4' FAD B . -3.05 3.20 2.29
C5' FAD B . -1.42 1.95 3.45
O5' FAD B . -2.31 1.66 4.48
P FAD B . -2.04 2.06 5.94
O1P FAD B . -3.08 1.57 6.75
O2P FAD B . -0.70 1.73 6.26
O3P FAD B . -2.18 3.63 5.97
C1 EDO C . -2.07 3.40 -8.82
O1 EDO C . -3.05 3.61 -7.80
C2 EDO C . -1.45 2.00 -8.68
O2 EDO C . -0.93 1.64 -9.97
#